data_3MPM
#
_entry.id   3MPM
#
_cell.length_a   58.073
_cell.length_b   44.624
_cell.length_c   120.967
_cell.angle_alpha   90.00
_cell.angle_beta   90.00
_cell.angle_gamma   90.00
#
_symmetry.space_group_name_H-M   'P 21 21 21'
#
loop_
_entity.id
_entity.type
_entity.pdbx_description
1 polymer 'Tyrosine-protein kinase Lck'
2 non-polymer 4-{(6R,7R)-7-amino-3-[3-(4-methylpiperazin-1-yl)phenyl]-6,7-dihydropyrazolo[1,5-a]pyrimidin-6-yl}phenol
3 non-polymer 1,2-ETHANEDIOL
4 water water
#
_entity_poly.entity_id   1
_entity_poly.type   'polypeptide(L)'
_entity_poly.pdbx_seq_one_letter_code
;GPEWEVPRETLKLVERLGAGQFGEVWMGYYNGHTKVAVKSLKQGSMSPDAFLAEANLMKQLQHQRLVRLYAVVTQEPIYI
ITEYMENGSLVDFLKTPSGIKLTINKLLDMAAQIAEGMAFIEERNYIHRNLRAANILVSDTLSCKIADFGLARLIEDNEY
TAREGAKFPIKWTAPEAINYGTFTIKSDVWSFGILLTEIVTHGRIPYPGMTNPEVIQNLERGYRMVRPDNCPEELYQLMR
LCWKERPEDRPTFDYLRSVLEDFFTAT
;
_entity_poly.pdbx_strand_id   A
#
# COMPACT_ATOMS: atom_id res chain seq x y z
N TRP A 4 23.22 7.77 -4.68
CA TRP A 4 22.18 7.39 -3.68
C TRP A 4 22.82 6.78 -2.43
N GLU A 5 23.99 6.18 -2.62
CA GLU A 5 24.78 5.60 -1.52
C GLU A 5 25.29 6.68 -0.57
N VAL A 6 25.07 6.49 0.73
CA VAL A 6 25.61 7.41 1.72
C VAL A 6 26.39 6.67 2.79
N PRO A 7 27.39 7.34 3.41
CA PRO A 7 28.06 6.81 4.60
C PRO A 7 27.08 6.64 5.75
N ARG A 8 27.17 5.52 6.47
CA ARG A 8 26.23 5.27 7.56
C ARG A 8 26.22 6.41 8.59
N GLU A 9 27.37 7.09 8.73
CA GLU A 9 27.62 8.23 9.64
C GLU A 9 26.66 9.40 9.44
N THR A 10 26.13 9.53 8.22
CA THR A 10 25.13 10.58 7.91
C THR A 10 23.75 10.30 8.51
N LEU A 11 23.61 9.13 9.13
CA LEU A 11 22.32 8.68 9.66
C LEU A 11 22.40 8.35 11.14
N LYS A 12 21.44 8.86 11.90
CA LYS A 12 21.29 8.45 13.29
C LYS A 12 19.91 7.83 13.44
N LEU A 13 19.89 6.54 13.78
CA LEU A 13 18.65 5.85 14.09
C LEU A 13 18.27 6.13 15.54
N VAL A 14 17.05 6.62 15.75
CA VAL A 14 16.66 7.14 17.05
C VAL A 14 15.71 6.16 17.73
N GLU A 15 14.76 5.64 16.94
CA GLU A 15 13.61 4.94 17.51
C GLU A 15 13.08 3.84 16.58
N ARG A 16 12.95 2.61 17.09
CA ARG A 16 12.44 1.52 16.28
C ARG A 16 10.93 1.61 16.19
N LEU A 17 10.41 1.63 14.96
CA LEU A 17 8.98 1.76 14.69
C LEU A 17 8.34 0.38 14.49
N GLY A 18 9.14 -0.59 14.06
CA GLY A 18 8.69 -1.99 13.96
C GLY A 18 9.83 -2.96 13.70
N ALA A 19 9.59 -4.23 14.01
CA ALA A 19 10.52 -5.33 13.74
C ALA A 19 9.72 -6.52 13.30
N GLY A 20 10.20 -7.21 12.28
CA GLY A 20 9.50 -8.36 11.77
C GLY A 20 10.45 -9.40 11.22
N GLN A 21 9.90 -10.27 10.40
CA GLN A 21 10.65 -11.44 9.95
C GLN A 21 11.90 -11.12 9.14
N PHE A 22 11.87 -10.02 8.39
CA PHE A 22 12.93 -9.70 7.40
C PHE A 22 13.77 -8.53 7.81
N GLY A 23 13.43 -7.92 8.95
CA GLY A 23 14.13 -6.72 9.39
C GLY A 23 13.30 -5.78 10.24
N GLU A 24 13.72 -4.52 10.27
CA GLU A 24 13.14 -3.52 11.13
C GLU A 24 12.94 -2.20 10.37
N VAL A 25 12.08 -1.33 10.90
CA VAL A 25 11.97 0.05 10.43
C VAL A 25 12.20 0.98 11.63
N TRP A 26 13.09 1.97 11.45
CA TRP A 26 13.43 2.98 12.47
C TRP A 26 13.09 4.40 12.02
N MET A 27 12.73 5.25 12.97
CA MET A 27 12.77 6.70 12.75
C MET A 27 14.20 7.17 13.09
N GLY A 28 14.74 8.08 12.29
CA GLY A 28 16.07 8.60 12.54
C GLY A 28 16.18 9.98 11.90
N TYR A 29 17.40 10.51 11.87
CA TYR A 29 17.69 11.80 11.29
C TYR A 29 18.81 11.72 10.29
N TYR A 30 18.63 12.39 9.18
CA TYR A 30 19.57 12.32 8.07
C TYR A 30 20.23 13.69 7.87
N ASN A 31 21.56 13.71 7.92
CA ASN A 31 22.34 14.95 7.89
C ASN A 31 21.96 15.88 9.05
N GLY A 32 21.59 15.28 10.18
CA GLY A 32 21.28 16.03 11.40
C GLY A 32 19.89 16.66 11.49
N HIS A 33 19.32 17.07 10.36
CA HIS A 33 18.07 17.85 10.38
C HIS A 33 16.83 17.18 9.74
N THR A 34 17.06 16.26 8.80
CA THR A 34 15.95 15.65 8.04
C THR A 34 15.42 14.38 8.73
N LYS A 35 14.18 14.44 9.18
CA LYS A 35 13.52 13.27 9.76
C LYS A 35 13.21 12.24 8.66
N VAL A 36 13.68 11.01 8.88
CA VAL A 36 13.59 9.93 7.89
C VAL A 36 13.07 8.64 8.54
N ALA A 37 12.62 7.72 7.71
CA ALA A 37 12.40 6.34 8.14
C ALA A 37 13.42 5.43 7.44
N VAL A 38 13.91 4.41 8.15
CA VAL A 38 15.01 3.61 7.64
C VAL A 38 14.57 2.16 7.74
N LYS A 39 14.49 1.49 6.59
CA LYS A 39 14.23 0.05 6.57
C LYS A 39 15.56 -0.69 6.53
N SER A 40 15.76 -1.60 7.48
CA SER A 40 17.02 -2.32 7.54
C SER A 40 16.79 -3.83 7.35
N LEU A 41 17.64 -4.45 6.55
CA LEU A 41 17.54 -5.88 6.26
C LEU A 41 18.18 -6.77 7.33
N LYS A 42 17.45 -7.78 7.77
CA LYS A 42 18.01 -8.84 8.59
C LYS A 42 18.81 -9.74 7.64
N GLN A 43 20.11 -9.86 7.91
CA GLN A 43 21.00 -10.67 7.09
C GLN A 43 20.47 -12.07 6.90
N GLY A 44 20.46 -12.53 5.65
CA GLY A 44 20.04 -13.87 5.33
C GLY A 44 18.59 -13.97 4.90
N SER A 45 17.78 -12.93 5.16
CA SER A 45 16.36 -12.97 4.79
C SER A 45 16.15 -13.09 3.29
N MET A 46 16.94 -12.31 2.56
CA MET A 46 17.02 -12.31 1.10
C MET A 46 18.37 -11.65 0.77
N SER A 47 18.78 -11.68 -0.51
CA SER A 47 20.05 -11.07 -0.87
C SER A 47 19.94 -9.54 -0.77
N PRO A 48 21.08 -8.86 -0.57
CA PRO A 48 21.06 -7.40 -0.67
C PRO A 48 20.39 -6.89 -1.98
N ASP A 49 20.70 -7.49 -3.12
CA ASP A 49 20.05 -7.08 -4.40
C ASP A 49 18.50 -7.19 -4.43
N ALA A 50 17.96 -8.25 -3.81
CA ALA A 50 16.51 -8.46 -3.73
C ALA A 50 15.84 -7.42 -2.86
N PHE A 51 16.51 -7.07 -1.75
CA PHE A 51 16.05 -6.05 -0.83
C PHE A 51 16.12 -4.68 -1.53
N LEU A 52 17.25 -4.40 -2.18
CA LEU A 52 17.50 -3.08 -2.76
C LEU A 52 16.66 -2.77 -3.99
N ALA A 53 16.01 -3.80 -4.52
CA ALA A 53 15.15 -3.63 -5.69
C ALA A 53 14.03 -2.64 -5.39
N GLU A 54 13.51 -2.68 -4.17
CA GLU A 54 12.52 -1.71 -3.70
C GLU A 54 13.02 -0.27 -3.81
N ALA A 55 14.27 -0.01 -3.43
CA ALA A 55 14.88 1.31 -3.56
C ALA A 55 15.01 1.69 -5.04
N ASN A 56 15.47 0.75 -5.86
CA ASN A 56 15.59 0.96 -7.30
C ASN A 56 14.28 1.37 -7.98
N LEU A 57 13.18 0.76 -7.56
CA LEU A 57 11.86 1.15 -8.05
C LEU A 57 11.45 2.58 -7.63
N MET A 58 11.81 2.98 -6.41
CA MET A 58 11.57 4.36 -5.98
C MET A 58 12.46 5.36 -6.75
N LYS A 59 13.66 4.94 -7.16
CA LYS A 59 14.50 5.74 -8.06
C LYS A 59 13.75 5.97 -9.39
N GLN A 60 13.15 4.91 -9.91
CA GLN A 60 12.53 4.91 -11.24
C GLN A 60 11.21 5.71 -11.30
N LEU A 61 10.44 5.68 -10.20
CA LEU A 61 9.13 6.29 -10.19
C LEU A 61 9.01 7.30 -9.08
N GLN A 62 9.00 8.57 -9.44
CA GLN A 62 8.94 9.66 -8.48
C GLN A 62 7.67 10.47 -8.70
N HIS A 63 6.94 10.73 -7.61
CA HIS A 63 5.62 11.36 -7.69
C HIS A 63 5.19 11.76 -6.30
N GLN A 64 4.42 12.83 -6.19
CA GLN A 64 3.92 13.32 -4.89
C GLN A 64 3.11 12.27 -4.10
N ARG A 65 2.48 11.33 -4.81
CA ARG A 65 1.65 10.32 -4.16
C ARG A 65 2.41 9.00 -3.94
N LEU A 66 3.70 8.99 -4.29
CA LEU A 66 4.56 7.83 -4.06
C LEU A 66 5.61 8.12 -2.99
N VAL A 67 5.90 7.12 -2.16
CA VAL A 67 6.93 7.31 -1.12
C VAL A 67 8.30 7.68 -1.73
N ARG A 68 8.91 8.74 -1.23
CA ARG A 68 10.16 9.27 -1.78
C ARG A 68 11.37 8.63 -1.12
N LEU A 69 12.29 8.15 -1.95
CA LEU A 69 13.60 7.65 -1.51
C LEU A 69 14.60 8.81 -1.28
N TYR A 70 15.29 8.77 -0.13
CA TYR A 70 16.41 9.68 0.12
C TYR A 70 17.80 9.10 -0.16
N ALA A 71 18.01 7.82 0.17
CA ALA A 71 19.37 7.25 0.19
C ALA A 71 19.35 5.76 0.50
N VAL A 72 20.47 5.10 0.27
CA VAL A 72 20.67 3.70 0.65
C VAL A 72 22.03 3.57 1.37
N VAL A 73 22.17 2.59 2.24
CA VAL A 73 23.47 2.18 2.77
C VAL A 73 23.64 0.71 2.37
N THR A 74 24.71 0.40 1.64
CA THR A 74 24.81 -0.93 1.02
C THR A 74 25.85 -1.87 1.66
N GLN A 75 26.33 -1.52 2.85
CA GLN A 75 27.07 -2.43 3.69
C GLN A 75 26.16 -2.97 4.80
N GLU A 76 26.40 -4.20 5.23
CA GLU A 76 25.67 -4.85 6.33
C GLU A 76 25.70 -4.04 7.66
N PRO A 77 24.51 -3.75 8.24
CA PRO A 77 23.14 -4.03 7.75
C PRO A 77 22.69 -3.08 6.62
N ILE A 78 22.15 -3.62 5.53
CA ILE A 78 21.65 -2.79 4.41
C ILE A 78 20.46 -1.91 4.85
N TYR A 79 20.52 -0.61 4.51
CA TYR A 79 19.46 0.35 4.81
C TYR A 79 18.80 0.93 3.54
N ILE A 80 17.50 1.14 3.59
CA ILE A 80 16.79 1.98 2.61
C ILE A 80 16.22 3.14 3.41
N ILE A 81 16.57 4.36 3.01
CA ILE A 81 16.15 5.57 3.74
C ILE A 81 15.11 6.38 2.96
N THR A 82 13.95 6.63 3.60
CA THR A 82 12.84 7.32 2.93
C THR A 82 12.35 8.49 3.78
N GLU A 83 11.47 9.31 3.20
CA GLU A 83 10.76 10.33 3.96
C GLU A 83 9.95 9.73 5.11
N TYR A 84 9.90 10.43 6.23
CA TYR A 84 9.18 9.95 7.38
C TYR A 84 7.71 10.42 7.30
N MET A 85 6.78 9.48 7.54
CA MET A 85 5.33 9.76 7.55
C MET A 85 4.75 9.64 8.96
N GLU A 86 4.38 10.78 9.52
CA GLU A 86 3.99 10.88 10.93
C GLU A 86 2.87 9.92 11.36
N ASN A 87 1.92 9.65 10.47
CA ASN A 87 0.81 8.74 10.83
C ASN A 87 0.96 7.28 10.41
N GLY A 88 2.17 6.91 9.96
CA GLY A 88 2.47 5.52 9.66
C GLY A 88 1.57 4.95 8.57
N SER A 89 1.23 3.66 8.73
CA SER A 89 0.46 2.92 7.75
C SER A 89 -1.02 3.30 7.82
N LEU A 90 -1.64 3.52 6.65
CA LEU A 90 -3.07 3.84 6.62
C LEU A 90 -3.93 2.81 7.37
N VAL A 91 -3.65 1.52 7.19
CA VAL A 91 -4.44 0.47 7.87
C VAL A 91 -4.50 0.63 9.40
N ASP A 92 -3.40 1.11 9.98
CA ASP A 92 -3.28 1.34 11.42
C ASP A 92 -3.82 2.70 11.79
N PHE A 93 -3.57 3.71 10.96
CA PHE A 93 -4.02 5.06 11.30
C PHE A 93 -5.55 5.10 11.40
N LEU A 94 -6.20 4.37 10.49
CA LEU A 94 -7.67 4.37 10.43
C LEU A 94 -8.30 3.85 11.72
N LYS A 95 -7.56 3.01 12.45
CA LYS A 95 -8.01 2.44 13.72
C LYS A 95 -7.74 3.32 14.97
N THR A 96 -6.95 4.38 14.83
CA THR A 96 -6.66 5.29 15.96
C THR A 96 -7.86 6.21 16.29
N PRO A 97 -7.87 6.88 17.47
CA PRO A 97 -8.87 7.93 17.75
C PRO A 97 -9.07 8.97 16.61
N SER A 98 -7.98 9.61 16.18
CA SER A 98 -8.01 10.52 15.03
C SER A 98 -8.58 9.87 13.78
N GLY A 99 -8.14 8.65 13.49
CA GLY A 99 -8.59 7.92 12.30
C GLY A 99 -10.08 7.60 12.33
N ILE A 100 -10.53 7.05 13.45
CA ILE A 100 -11.94 6.69 13.64
C ILE A 100 -12.89 7.89 13.42
N LYS A 101 -12.42 9.10 13.69
CA LYS A 101 -13.27 10.29 13.64
C LYS A 101 -13.31 11.02 12.28
N LEU A 102 -12.49 10.56 11.33
CA LEU A 102 -12.49 11.11 9.97
C LEU A 102 -13.85 10.99 9.29
N THR A 103 -14.26 12.10 8.64
CA THR A 103 -15.50 12.17 7.88
C THR A 103 -15.36 11.41 6.56
N ILE A 104 -16.50 11.09 5.91
CA ILE A 104 -16.49 10.45 4.62
C ILE A 104 -15.78 11.34 3.58
N ASN A 105 -15.96 12.66 3.70
CA ASN A 105 -15.28 13.61 2.80
C ASN A 105 -13.76 13.46 2.79
N LYS A 106 -13.18 13.40 3.98
CA LYS A 106 -11.75 13.30 4.11
C LYS A 106 -11.26 11.91 3.68
N LEU A 107 -12.00 10.85 4.03
CA LEU A 107 -11.67 9.47 3.60
C LEU A 107 -11.64 9.33 2.09
N LEU A 108 -12.58 9.97 1.43
CA LEU A 108 -12.62 9.96 -0.04
C LEU A 108 -11.53 10.82 -0.69
N ASP A 109 -11.12 11.90 -0.03
CA ASP A 109 -9.96 12.65 -0.48
C ASP A 109 -8.73 11.74 -0.42
N MET A 110 -8.64 10.92 0.62
CA MET A 110 -7.50 10.02 0.76
C MET A 110 -7.51 8.91 -0.31
N ALA A 111 -8.69 8.33 -0.56
CA ALA A 111 -8.90 7.37 -1.66
C ALA A 111 -8.51 7.99 -3.04
N ALA A 112 -8.88 9.25 -3.26
CA ALA A 112 -8.53 9.96 -4.50
C ALA A 112 -7.03 10.12 -4.67
N GLN A 113 -6.33 10.48 -3.58
CA GLN A 113 -4.87 10.59 -3.66
C GLN A 113 -4.22 9.27 -4.01
N ILE A 114 -4.75 8.17 -3.45
CA ILE A 114 -4.23 6.82 -3.76
C ILE A 114 -4.49 6.43 -5.24
N ALA A 115 -5.69 6.73 -5.74
CA ALA A 115 -6.01 6.52 -7.16
C ALA A 115 -5.11 7.39 -8.04
N GLU A 116 -4.78 8.60 -7.59
CA GLU A 116 -3.88 9.49 -8.35
C GLU A 116 -2.49 8.86 -8.53
N GLY A 117 -1.93 8.34 -7.44
CA GLY A 117 -0.62 7.66 -7.49
C GLY A 117 -0.67 6.42 -8.38
N MET A 118 -1.77 5.67 -8.28
CA MET A 118 -1.97 4.45 -9.10
C MET A 118 -2.19 4.78 -10.56
N ALA A 119 -2.85 5.91 -10.81
CA ALA A 119 -2.96 6.44 -12.19
C ALA A 119 -1.59 6.77 -12.83
N PHE A 120 -0.65 7.24 -12.02
CA PHE A 120 0.71 7.48 -12.49
C PHE A 120 1.44 6.17 -12.79
N ILE A 121 1.34 5.21 -11.88
CA ILE A 121 1.92 3.88 -12.07
C ILE A 121 1.38 3.23 -13.36
N GLU A 122 0.06 3.28 -13.54
CA GLU A 122 -0.62 2.86 -14.77
C GLU A 122 -0.10 3.57 -16.03
N GLU A 123 0.03 4.89 -15.97
CA GLU A 123 0.48 5.66 -17.12
C GLU A 123 1.92 5.31 -17.50
N ARG A 124 2.75 4.99 -16.49
CA ARG A 124 4.14 4.62 -16.73
C ARG A 124 4.30 3.14 -17.10
N ASN A 125 3.19 2.40 -17.18
CA ASN A 125 3.21 0.96 -17.49
C ASN A 125 3.94 0.09 -16.45
N TYR A 126 3.76 0.43 -15.17
CA TYR A 126 4.15 -0.45 -14.10
C TYR A 126 2.91 -1.08 -13.46
N ILE A 127 3.12 -1.95 -12.48
CA ILE A 127 2.03 -2.47 -11.64
C ILE A 127 2.49 -2.43 -10.20
N HIS A 128 1.53 -2.51 -9.27
CA HIS A 128 1.86 -2.50 -7.86
C HIS A 128 2.11 -3.93 -7.42
N ARG A 129 1.06 -4.75 -7.47
CA ARG A 129 1.06 -6.16 -7.06
C ARG A 129 0.76 -6.34 -5.57
N ASN A 130 0.98 -5.30 -4.78
CA ASN A 130 0.85 -5.40 -3.31
C ASN A 130 -0.04 -4.28 -2.73
N LEU A 131 -1.06 -3.89 -3.49
CA LEU A 131 -1.87 -2.73 -3.14
C LEU A 131 -2.91 -3.06 -2.06
N ARG A 132 -2.80 -2.40 -0.90
CA ARG A 132 -3.72 -2.54 0.23
C ARG A 132 -3.38 -1.43 1.22
N ALA A 133 -4.29 -1.16 2.15
CA ALA A 133 -4.13 -0.03 3.07
C ALA A 133 -2.82 -0.12 3.88
N ALA A 134 -2.35 -1.35 4.12
CA ALA A 134 -1.08 -1.59 4.84
C ALA A 134 0.11 -0.95 4.15
N ASN A 135 0.04 -0.84 2.82
CA ASN A 135 1.14 -0.33 2.03
C ASN A 135 0.94 1.11 1.54
N ILE A 136 0.07 1.83 2.24
CA ILE A 136 -0.11 3.28 2.08
C ILE A 136 0.36 3.96 3.38
N LEU A 137 1.20 5.00 3.27
CA LEU A 137 1.66 5.74 4.43
C LEU A 137 0.96 7.09 4.48
N VAL A 138 0.78 7.62 5.69
CA VAL A 138 -0.06 8.81 5.91
C VAL A 138 0.74 9.89 6.64
N SER A 139 0.77 11.09 6.07
CA SER A 139 1.56 12.18 6.64
C SER A 139 0.77 12.86 7.76
N ASP A 140 1.43 13.80 8.47
CA ASP A 140 0.79 14.58 9.54
C ASP A 140 -0.40 15.40 9.08
N THR A 141 -0.41 15.76 7.79
CA THR A 141 -1.52 16.49 7.18
C THR A 141 -2.46 15.58 6.42
N LEU A 142 -2.36 14.28 6.68
CA LEU A 142 -3.21 13.25 6.06
C LEU A 142 -3.00 13.09 4.55
N SER A 143 -1.86 13.50 4.03
CA SER A 143 -1.58 13.13 2.66
C SER A 143 -1.08 11.67 2.59
N CYS A 144 -1.45 10.99 1.51
CA CYS A 144 -1.25 9.55 1.37
C CYS A 144 -0.17 9.28 0.34
N LYS A 145 0.71 8.34 0.65
CA LYS A 145 1.78 7.95 -0.25
C LYS A 145 1.86 6.44 -0.37
N ILE A 146 1.93 6.00 -1.62
CA ILE A 146 2.02 4.57 -1.98
C ILE A 146 3.44 4.04 -1.78
N ALA A 147 3.59 2.92 -1.03
CA ALA A 147 4.90 2.32 -0.78
C ALA A 147 4.92 0.92 -1.37
N ASP A 148 6.12 0.36 -1.56
CA ASP A 148 6.27 -1.06 -1.95
C ASP A 148 5.59 -1.41 -3.27
N PHE A 149 5.67 -0.49 -4.23
CA PHE A 149 5.15 -0.72 -5.59
C PHE A 149 6.19 -1.41 -6.49
N GLY A 150 5.70 -2.14 -7.48
CA GLY A 150 6.53 -2.63 -8.59
C GLY A 150 7.47 -3.78 -8.26
N LEU A 151 7.32 -4.36 -7.08
CA LEU A 151 8.18 -5.46 -6.64
C LEU A 151 7.89 -6.73 -7.45
N ALA A 152 8.87 -7.60 -7.54
CA ALA A 152 8.73 -8.85 -8.30
C ALA A 152 8.06 -9.92 -7.44
N ARG A 153 7.89 -9.60 -6.16
CA ARG A 153 7.40 -10.55 -5.18
C ARG A 153 6.17 -10.02 -4.42
N LEU A 154 5.37 -10.96 -3.90
CA LEU A 154 4.27 -10.65 -3.01
C LEU A 154 4.75 -10.52 -1.56
N ILE A 155 4.39 -9.44 -0.87
CA ILE A 155 4.91 -9.19 0.49
C ILE A 155 3.83 -9.47 1.56
N GLU A 156 4.28 -9.81 2.76
CA GLU A 156 3.38 -9.98 3.88
C GLU A 156 3.57 -8.81 4.86
N ASP A 157 2.52 -8.54 5.65
CA ASP A 157 2.54 -7.42 6.61
C ASP A 157 3.44 -7.60 7.84
N ASN A 158 3.95 -8.81 8.08
CA ASN A 158 4.76 -9.07 9.28
C ASN A 158 6.27 -9.10 8.99
N GLU A 159 6.68 -8.67 7.79
CA GLU A 159 8.09 -8.70 7.41
C GLU A 159 8.92 -7.66 8.16
N TYR A 160 8.33 -6.48 8.37
CA TYR A 160 9.04 -5.37 9.06
C TYR A 160 8.29 -4.79 10.27
N THR A 161 7.21 -5.46 10.68
CA THR A 161 6.51 -5.15 11.92
C THR A 161 5.87 -6.41 12.46
N ALA A 162 5.56 -6.44 13.76
CA ALA A 162 4.86 -7.58 14.37
C ALA A 162 3.37 -7.55 14.03
N ARG A 163 2.80 -8.68 13.64
CA ARG A 163 1.39 -8.78 13.22
C ARG A 163 0.85 -10.22 13.31
N PHE A 168 -1.08 -14.28 4.84
CA PHE A 168 -0.82 -14.06 3.41
C PHE A 168 -2.03 -13.37 2.73
N PRO A 169 -1.82 -12.20 2.05
CA PRO A 169 -2.75 -11.23 1.38
C PRO A 169 -3.67 -11.71 0.20
N ILE A 170 -4.20 -12.92 0.38
CA ILE A 170 -5.17 -13.50 -0.54
C ILE A 170 -6.39 -12.57 -0.71
N LYS A 171 -6.78 -11.87 0.37
CA LYS A 171 -8.03 -11.09 0.32
C LYS A 171 -8.06 -9.87 -0.62
N TRP A 172 -6.90 -9.49 -1.16
CA TRP A 172 -6.84 -8.37 -2.10
C TRP A 172 -6.52 -8.82 -3.52
N THR A 173 -6.38 -10.14 -3.70
CA THR A 173 -5.87 -10.73 -4.95
C THR A 173 -7.02 -11.06 -5.93
N ALA A 174 -6.94 -10.55 -7.17
CA ALA A 174 -7.99 -10.73 -8.18
C ALA A 174 -8.08 -12.18 -8.63
N PRO A 175 -9.27 -12.61 -9.10
CA PRO A 175 -9.41 -14.03 -9.44
C PRO A 175 -8.39 -14.59 -10.43
N GLU A 176 -8.04 -13.83 -11.46
CA GLU A 176 -7.13 -14.37 -12.47
C GLU A 176 -5.70 -14.51 -11.92
N ALA A 177 -5.37 -13.73 -10.89
CA ALA A 177 -4.06 -13.83 -10.23
C ALA A 177 -4.05 -15.05 -9.29
N ILE A 178 -5.16 -15.29 -8.59
CA ILE A 178 -5.29 -16.53 -7.81
C ILE A 178 -5.20 -17.75 -8.74
N ASN A 179 -5.92 -17.72 -9.86
CA ASN A 179 -6.05 -18.92 -10.69
C ASN A 179 -4.88 -19.24 -11.61
N TYR A 180 -4.27 -18.19 -12.18
CA TYR A 180 -3.27 -18.41 -13.23
C TYR A 180 -1.96 -17.70 -12.95
N GLY A 181 -1.94 -16.88 -11.89
CA GLY A 181 -0.79 -16.03 -11.57
C GLY A 181 -0.65 -14.84 -12.50
N THR A 182 -1.74 -14.48 -13.14
CA THR A 182 -1.76 -13.34 -14.06
C THR A 182 -1.91 -12.07 -13.26
N PHE A 183 -0.84 -11.27 -13.13
CA PHE A 183 -0.93 -9.96 -12.47
C PHE A 183 -0.80 -8.83 -13.50
N THR A 184 -1.77 -7.92 -13.55
CA THR A 184 -1.69 -6.75 -14.44
C THR A 184 -2.18 -5.54 -13.67
N ILE A 185 -2.21 -4.39 -14.33
CA ILE A 185 -2.75 -3.20 -13.70
C ILE A 185 -4.24 -3.44 -13.32
N LYS A 186 -4.94 -4.28 -14.08
CA LYS A 186 -6.33 -4.58 -13.77
C LYS A 186 -6.47 -5.42 -12.49
N SER A 187 -5.50 -6.26 -12.15
CA SER A 187 -5.60 -6.89 -10.83
C SER A 187 -5.31 -5.90 -9.71
N ASP A 188 -4.51 -4.85 -9.98
CA ASP A 188 -4.37 -3.75 -9.00
C ASP A 188 -5.69 -3.00 -8.84
N VAL A 189 -6.44 -2.84 -9.94
CA VAL A 189 -7.74 -2.16 -9.82
C VAL A 189 -8.67 -2.95 -8.86
N TRP A 190 -8.71 -4.27 -9.02
CA TRP A 190 -9.39 -5.19 -8.06
C TRP A 190 -8.94 -4.91 -6.62
N SER A 191 -7.62 -4.96 -6.38
CA SER A 191 -7.07 -4.67 -5.06
C SER A 191 -7.52 -3.31 -4.54
N PHE A 192 -7.61 -2.33 -5.43
CA PHE A 192 -8.05 -0.99 -5.02
C PHE A 192 -9.49 -0.98 -4.52
N GLY A 193 -10.40 -1.68 -5.20
CA GLY A 193 -11.77 -1.85 -4.70
C GLY A 193 -11.79 -2.43 -3.29
N ILE A 194 -10.94 -3.42 -3.00
CA ILE A 194 -10.83 -4.03 -1.63
C ILE A 194 -10.28 -2.96 -0.65
N LEU A 195 -9.25 -2.24 -1.08
CA LEU A 195 -8.71 -1.12 -0.30
C LEU A 195 -9.79 -0.08 0.06
N LEU A 196 -10.73 0.20 -0.85
CA LEU A 196 -11.81 1.17 -0.55
C LEU A 196 -12.68 0.66 0.59
N THR A 197 -12.88 -0.65 0.69
CA THR A 197 -13.66 -1.19 1.81
C THR A 197 -12.90 -0.95 3.12
N GLU A 198 -11.57 -1.13 3.10
CA GLU A 198 -10.76 -0.79 4.29
C GLU A 198 -10.90 0.67 4.71
N ILE A 199 -10.85 1.58 3.74
CA ILE A 199 -10.99 3.02 4.01
C ILE A 199 -12.32 3.41 4.68
N VAL A 200 -13.44 2.90 4.16
CA VAL A 200 -14.76 3.32 4.70
C VAL A 200 -15.17 2.60 5.98
N THR A 201 -14.51 1.50 6.30
CA THR A 201 -14.82 0.76 7.50
C THR A 201 -13.79 1.07 8.60
N HIS A 202 -13.03 2.14 8.39
CA HIS A 202 -11.95 2.52 9.28
C HIS A 202 -11.02 1.34 9.60
N GLY A 203 -10.63 0.62 8.53
CA GLY A 203 -9.56 -0.36 8.61
C GLY A 203 -9.99 -1.79 8.90
N ARG A 204 -11.25 -2.11 8.71
CA ARG A 204 -11.72 -3.49 8.95
C ARG A 204 -11.12 -4.43 7.90
N ILE A 205 -10.74 -5.65 8.33
CA ILE A 205 -10.27 -6.69 7.42
C ILE A 205 -11.37 -7.02 6.39
N PRO A 206 -10.98 -7.18 5.11
CA PRO A 206 -11.96 -7.57 4.08
C PRO A 206 -12.53 -8.97 4.34
N TYR A 207 -13.72 -9.27 3.80
CA TYR A 207 -14.37 -10.57 4.01
C TYR A 207 -14.32 -11.03 5.48
N PRO A 208 -14.90 -10.22 6.38
CA PRO A 208 -14.68 -10.46 7.81
C PRO A 208 -15.31 -11.80 8.21
N GLY A 209 -14.58 -12.61 9.00
CA GLY A 209 -15.04 -13.97 9.32
C GLY A 209 -15.10 -14.92 8.12
N MET A 210 -14.21 -14.71 7.14
CA MET A 210 -13.87 -15.75 6.18
C MET A 210 -12.37 -15.95 6.31
N THR A 211 -11.93 -17.20 6.29
CA THR A 211 -10.52 -17.54 6.20
C THR A 211 -10.08 -17.39 4.74
N ASN A 212 -8.78 -17.37 4.48
CA ASN A 212 -8.28 -17.34 3.08
C ASN A 212 -8.82 -18.44 2.15
N PRO A 213 -8.85 -19.72 2.60
CA PRO A 213 -9.47 -20.73 1.71
C PRO A 213 -10.97 -20.53 1.44
N GLU A 214 -11.70 -19.99 2.42
CA GLU A 214 -13.13 -19.70 2.26
C GLU A 214 -13.36 -18.55 1.28
N VAL A 215 -12.54 -17.51 1.37
CA VAL A 215 -12.55 -16.45 0.34
C VAL A 215 -12.36 -17.03 -1.08
N ILE A 216 -11.37 -17.92 -1.23
CA ILE A 216 -11.12 -18.56 -2.51
C ILE A 216 -12.32 -19.36 -3.03
N GLN A 217 -12.92 -20.19 -2.17
CA GLN A 217 -14.13 -20.96 -2.48
C GLN A 217 -15.31 -20.05 -2.87
N ASN A 218 -15.50 -18.98 -2.10
CA ASN A 218 -16.50 -17.97 -2.43
C ASN A 218 -16.27 -17.26 -3.78
N LEU A 219 -15.02 -16.90 -4.08
CA LEU A 219 -14.73 -16.28 -5.36
C LEU A 219 -14.95 -17.19 -6.55
N GLU A 220 -14.76 -18.50 -6.37
CA GLU A 220 -15.05 -19.45 -7.44
C GLU A 220 -16.56 -19.39 -7.80
N ARG A 221 -17.38 -19.11 -6.80
CA ARG A 221 -18.83 -18.99 -6.97
C ARG A 221 -19.29 -17.59 -7.37
N GLY A 222 -18.35 -16.65 -7.53
CA GLY A 222 -18.70 -15.28 -7.96
C GLY A 222 -19.12 -14.33 -6.84
N TYR A 223 -18.87 -14.72 -5.58
CA TYR A 223 -19.16 -13.89 -4.41
C TYR A 223 -18.57 -12.49 -4.46
N ARG A 224 -19.35 -11.49 -3.98
CA ARG A 224 -18.84 -10.12 -3.85
C ARG A 224 -19.30 -9.61 -2.48
N MET A 225 -18.40 -8.94 -1.75
CA MET A 225 -18.80 -8.26 -0.51
C MET A 225 -20.00 -7.34 -0.72
N VAL A 226 -20.87 -7.32 0.28
CA VAL A 226 -21.98 -6.37 0.32
C VAL A 226 -21.50 -4.93 0.67
N ARG A 227 -22.37 -3.94 0.44
CA ARG A 227 -22.08 -2.55 0.78
C ARG A 227 -21.81 -2.42 2.29
N PRO A 228 -20.61 -1.92 2.67
CA PRO A 228 -20.30 -1.71 4.09
C PRO A 228 -21.20 -0.67 4.74
N ASP A 229 -21.40 -0.78 6.04
CA ASP A 229 -22.19 0.18 6.79
C ASP A 229 -21.72 1.60 6.50
N ASN A 230 -22.69 2.48 6.20
CA ASN A 230 -22.44 3.92 6.03
C ASN A 230 -21.71 4.30 4.73
N CYS A 231 -21.28 3.30 3.95
CA CYS A 231 -20.66 3.49 2.63
C CYS A 231 -21.69 4.06 1.63
N PRO A 232 -21.37 5.22 1.01
CA PRO A 232 -22.25 5.75 -0.04
C PRO A 232 -22.53 4.71 -1.14
N GLU A 233 -23.78 4.63 -1.57
CA GLU A 233 -24.15 3.67 -2.63
C GLU A 233 -23.33 3.84 -3.93
N GLU A 234 -23.03 5.09 -4.29
CA GLU A 234 -22.23 5.36 -5.50
C GLU A 234 -20.82 4.85 -5.33
N LEU A 235 -20.28 4.96 -4.12
CA LEU A 235 -18.95 4.41 -3.87
C LEU A 235 -18.97 2.88 -3.92
N TYR A 236 -20.02 2.27 -3.38
CA TYR A 236 -20.19 0.81 -3.53
C TYR A 236 -20.25 0.38 -5.01
N GLN A 237 -20.97 1.12 -5.85
CA GLN A 237 -21.02 0.77 -7.28
C GLN A 237 -19.64 0.89 -7.96
N LEU A 238 -18.82 1.81 -7.46
CA LEU A 238 -17.43 1.93 -7.90
C LEU A 238 -16.62 0.68 -7.50
N MET A 239 -16.85 0.18 -6.27
CA MET A 239 -16.26 -1.06 -5.79
C MET A 239 -16.61 -2.21 -6.73
N ARG A 240 -17.89 -2.30 -7.08
CA ARG A 240 -18.39 -3.41 -7.88
C ARG A 240 -17.79 -3.41 -9.30
N LEU A 241 -17.53 -2.22 -9.84
CA LEU A 241 -16.78 -2.08 -11.10
C LEU A 241 -15.33 -2.58 -11.00
N CYS A 242 -14.65 -2.25 -9.91
CA CYS A 242 -13.28 -2.73 -9.63
C CYS A 242 -13.25 -4.24 -9.52
N TRP A 243 -14.38 -4.84 -9.07
CA TRP A 243 -14.48 -6.29 -8.95
C TRP A 243 -15.17 -7.03 -10.08
N LYS A 244 -15.23 -6.45 -11.29
CA LYS A 244 -15.80 -7.19 -12.41
C LYS A 244 -14.92 -8.44 -12.65
N GLU A 245 -15.56 -9.54 -12.96
CA GLU A 245 -14.87 -10.81 -13.15
C GLU A 245 -13.79 -10.67 -14.21
N ARG A 246 -14.17 -10.16 -15.39
CA ARG A 246 -13.20 -10.03 -16.50
C ARG A 246 -12.38 -8.74 -16.32
N PRO A 247 -11.03 -8.83 -16.38
CA PRO A 247 -10.18 -7.66 -16.11
C PRO A 247 -10.48 -6.45 -17.04
N GLU A 248 -10.83 -6.73 -18.31
CA GLU A 248 -11.16 -5.65 -19.28
C GLU A 248 -12.38 -4.81 -18.88
N ASP A 249 -13.26 -5.36 -18.02
CA ASP A 249 -14.49 -4.66 -17.58
C ASP A 249 -14.25 -3.76 -16.35
N ARG A 250 -13.04 -3.82 -15.81
CA ARG A 250 -12.65 -2.96 -14.66
C ARG A 250 -12.16 -1.61 -15.16
N PRO A 251 -12.47 -0.51 -14.44
CA PRO A 251 -12.03 0.84 -14.90
C PRO A 251 -10.54 1.06 -14.82
N THR A 252 -10.05 2.06 -15.53
CA THR A 252 -8.71 2.56 -15.35
C THR A 252 -8.60 3.34 -14.03
N PHE A 253 -7.39 3.48 -13.53
CA PHE A 253 -7.14 4.35 -12.39
C PHE A 253 -7.38 5.84 -12.68
N ASP A 254 -7.16 6.22 -13.95
CA ASP A 254 -7.45 7.57 -14.48
C ASP A 254 -8.91 7.92 -14.18
N TYR A 255 -9.81 7.01 -14.56
CA TYR A 255 -11.24 7.17 -14.28
C TYR A 255 -11.56 7.18 -12.77
N LEU A 256 -11.03 6.20 -12.04
CA LEU A 256 -11.23 6.12 -10.58
C LEU A 256 -10.81 7.41 -9.88
N ARG A 257 -9.64 7.93 -10.25
CA ARG A 257 -9.17 9.19 -9.69
C ARG A 257 -10.17 10.33 -9.98
N SER A 258 -10.65 10.42 -11.21
CA SER A 258 -11.53 11.51 -11.61
C SER A 258 -12.86 11.45 -10.85
N VAL A 259 -13.41 10.25 -10.66
CA VAL A 259 -14.65 10.08 -9.90
C VAL A 259 -14.51 10.42 -8.40
N LEU A 260 -13.47 9.89 -7.78
CA LEU A 260 -13.20 10.14 -6.36
C LEU A 260 -12.86 11.60 -6.05
N GLU A 261 -12.09 12.25 -6.92
CA GLU A 261 -11.73 13.66 -6.76
C GLU A 261 -12.92 14.62 -6.75
N ASP A 262 -13.95 14.29 -7.55
CA ASP A 262 -15.12 15.13 -7.69
C ASP A 262 -16.34 14.52 -7.02
N PHE A 263 -16.12 13.54 -6.15
CA PHE A 263 -17.20 12.76 -5.50
C PHE A 263 -18.25 13.63 -4.75
N PHE A 264 -17.78 14.63 -4.01
CA PHE A 264 -18.64 15.56 -3.24
C PHE A 264 -18.53 17.01 -3.75
#